data_8H2H
#
_entry.id   8H2H
#
_cell.length_a   1.00
_cell.length_b   1.00
_cell.length_c   1.00
_cell.angle_alpha   90.00
_cell.angle_beta   90.00
_cell.angle_gamma   90.00
#
_symmetry.space_group_name_H-M   'P 1'
#
loop_
_entity.id
_entity.type
_entity.pdbx_description
1 polymer LtrB
2 polymer "RNA (5'-R(P*CP*AP*CP*AP*UP*CP*CP*AP*UP*AP*AP*C)-3')"
3 polymer 'Group II intron-encoded protein LtrA'
#
loop_
_entity_poly.entity_id
_entity_poly.type
_entity_poly.pdbx_seq_one_letter_code
_entity_poly.pdbx_strand_id
1 'polyribonucleotide'
;GUGCGCCCAGAUAGGGUGUUAAGUCAAGUAGUUUAAGGUACUACUCUGUAAGAUAACACAGAAAACAGCCAACCUAACCG
AAAAGCGAAAGCUGAUACGGGAACAGAGCACGGUUGGAAAGCGAUGAGUUACCUAAAGACAAUCGGGUACGACUGAGUCG
CAAUGUUAAUCAGAUAUAAGGUAUAAGUUGUGUUUACUGAACGCAAGUUUCUAAUUUCGGUUAUGUGUCGAUAGAGGAAA
GUGUCUGAAACCUCUAGUACAAAGAAAGGUAAGUUAUGGUUGUGGACUUAUCUGUUAUCACCACAUUUGUACAAUCUGUA
GGAGAACCUAUGGGAACGAAACGAAAGCGAUGCCGAGAAUCUGAAUUUACCAAGACUUAACACUAACUGGGGAUACCCUA
AACAAGAAUGCCUAAUAGAAAGGAGGAAAAAGGCUAUAGCACUAGAGCUUGAAAAUCUUGCAAGGGUACGGAGUACUCGU
AGUAGUCUGAGAAGGGUAACGCCCUUUACAUGGCAAAGGGGUACAGUUAUUGUGUACUAAAAUUAAAAAUUGAUUAGGGA
GGAAAACCUCAAAAUGAAACCAACAAUGGCAAUUUUAGAAAGAAUCAGUAAAAAUUCACAAGAAAAUAUAGACGAAGUUU
UUACAAGACUUUAUCGUUAUCUUUUACGUCCAGAUAUUUAUUACGUGGCGACGCGUUGGGAAAUGGCAAUGAUAGCGAAA
CAACGUAAAACUCUUGUUGUAUGCUUUCAUUGUCAUCGUCACGUGAUUCAUAAACACAAGUGAAUUUUUACGAACGAACA
AUAACAGAGCCGUAUACUCCGAGAGGGGUACGUACGGUUCCCGAAGAGGGUGGUGCAAACCAGUCACAGUAAUGUGAACA
AGGCGGUACCUCCCUACUUCAC
;
A
2 'polyribonucleotide' CACAUCCAUAAC B
3 'polypeptide(L)'
;MKPTMAILERISKNSQENIDEVFTRLYRYLLRPDIYYVAYQNLYSNKGASTKGILDDTADGFSEEKIKKIIQSLKDGTYY
PQPVRRMYIAKKNSKKMRPLGIPTFTDKLIQEAVRIILESIYEPVFEDVSHGFRPQRSCHTALKTIKREFGGARWFVEGD
IKGCFDNIDHVTLIGLINLKIKDMKMSQLIYKFLKAGYLENWQYHKTYSGTPQGGILSPLLANIYLHELDKFVLQLKMKF
DRESPERITPEYRELHNEIKRISHRLKKLEGEEKAKVLLEYQEKRKRLPTLPCTSQTNKVLKYVRYADDFIISVKGSKED
CQWIKEQLKLFIHNKLKMELSEEKTLITHSSQPARFLGYDIRVRRSGTIKRSGKVKKRTLNGSVELLIPLQDKIRQFIFD
KKIAIQKKDSSWFPVHRKYLIRSTDLEIITIYNSELRGICNYYGLASNFNQLNYFAYLMEYSCLKTIASKHKGTLSKTIS
MFKDGSGSWGIPYEIKQGKQRRYFANFSECKSPYQFTDEISQAPVLYGYARNTLENRLKAKCCELCGTSDENTSYEIHHV
NKVKNLKGKEKWEMAMIAKQRKTLVVCFHCHRHVIHKHK
;
D
#
# COMPACT_ATOMS: atom_id res chain seq x y z
N MET C 1 -32.57 19.61 0.99
CA MET C 1 -32.14 20.19 2.25
C MET C 1 -30.64 19.95 2.36
N LYS C 2 -30.07 19.48 1.23
CA LYS C 2 -28.81 18.75 1.15
C LYS C 2 -28.92 17.53 2.04
N PRO C 3 -29.44 16.42 1.52
CA PRO C 3 -29.21 15.11 2.17
C PRO C 3 -27.75 14.90 2.53
N THR C 4 -27.46 14.25 3.67
CA THR C 4 -26.27 14.49 4.49
C THR C 4 -24.97 14.53 3.72
N MET C 5 -24.89 13.77 2.61
CA MET C 5 -23.71 13.52 1.78
C MET C 5 -23.38 14.68 0.85
N ALA C 6 -24.22 15.68 0.78
CA ALA C 6 -23.78 16.94 0.23
C ALA C 6 -23.41 17.92 1.31
N ILE C 7 -23.79 17.65 2.55
CA ILE C 7 -23.28 18.52 3.59
C ILE C 7 -21.85 18.15 3.91
N LEU C 8 -21.52 16.86 3.94
CA LEU C 8 -20.14 16.44 4.16
C LEU C 8 -19.23 16.91 3.04
N GLU C 9 -19.72 16.98 1.81
CA GLU C 9 -18.88 17.49 0.76
C GLU C 9 -18.82 18.98 0.80
N ARG C 10 -19.78 19.60 1.47
CA ARG C 10 -19.70 21.03 1.71
C ARG C 10 -18.55 21.36 2.66
N ILE C 11 -18.16 20.42 3.54
CA ILE C 11 -17.06 20.72 4.45
C ILE C 11 -15.73 20.51 3.78
N SER C 12 -15.64 19.51 2.91
CA SER C 12 -14.34 19.16 2.34
C SER C 12 -13.87 20.21 1.32
N LYS C 13 -14.75 21.12 0.92
CA LYS C 13 -14.29 22.38 0.33
C LYS C 13 -14.00 23.41 1.39
N ASN C 14 -14.58 23.28 2.56
CA ASN C 14 -14.50 24.36 3.52
C ASN C 14 -13.19 24.40 4.25
N SER C 15 -12.53 23.26 4.39
CA SER C 15 -11.24 23.26 5.02
C SER C 15 -10.20 23.89 4.13
N GLN C 16 -10.33 23.65 2.83
CA GLN C 16 -9.38 24.16 1.86
C GLN C 16 -9.39 25.67 1.83
N GLU C 17 -10.58 26.25 1.97
CA GLU C 17 -10.75 27.68 1.87
C GLU C 17 -10.25 28.39 3.12
N ASN C 18 -10.83 28.13 4.28
CA ASN C 18 -10.35 28.77 5.47
C ASN C 18 -9.10 28.04 5.93
N ILE C 19 -8.02 28.79 6.07
CA ILE C 19 -6.75 28.16 6.35
C ILE C 19 -6.63 27.78 7.82
N ASP C 20 -7.62 28.14 8.66
CA ASP C 20 -7.79 27.61 10.01
C ASP C 20 -9.21 27.86 10.48
N GLU C 21 -10.10 26.88 10.37
CA GLU C 21 -11.41 27.04 11.00
C GLU C 21 -11.49 26.05 12.13
N VAL C 22 -12.13 26.44 13.22
CA VAL C 22 -12.41 25.54 14.31
C VAL C 22 -13.78 24.93 14.06
N PHE C 23 -13.81 23.68 13.59
CA PHE C 23 -15.03 23.13 12.99
C PHE C 23 -15.96 22.62 14.07
N THR C 24 -17.04 23.35 14.37
CA THR C 24 -17.96 22.98 15.44
C THR C 24 -19.18 22.22 14.93
N ARG C 25 -19.88 21.60 15.87
CA ARG C 25 -21.18 20.98 15.71
C ARG C 25 -21.15 19.77 14.77
N LEU C 26 -20.16 18.94 14.94
CA LEU C 26 -20.09 17.83 14.02
C LEU C 26 -20.93 16.64 14.43
N TYR C 27 -21.56 16.66 15.59
CA TYR C 27 -22.20 15.42 16.01
C TYR C 27 -23.55 15.17 15.34
N ARG C 28 -24.25 16.23 14.92
CA ARG C 28 -25.65 16.12 14.50
C ARG C 28 -25.81 15.37 13.19
N TYR C 29 -24.70 15.08 12.51
CA TYR C 29 -24.68 14.46 11.21
C TYR C 29 -24.65 12.95 11.26
N LEU C 30 -24.30 12.37 12.38
CA LEU C 30 -24.20 10.94 12.41
C LEU C 30 -25.54 10.28 12.58
N LEU C 31 -26.56 11.09 12.91
CA LEU C 31 -27.88 10.66 13.34
C LEU C 31 -28.93 10.60 12.24
N ARG C 32 -28.85 11.44 11.22
CA ARG C 32 -29.77 11.28 10.13
C ARG C 32 -29.26 10.11 9.30
N PRO C 33 -30.06 9.13 9.06
CA PRO C 33 -29.55 7.83 8.63
C PRO C 33 -29.38 7.64 7.13
N ASP C 34 -28.93 8.68 6.44
CA ASP C 34 -28.67 8.57 5.02
C ASP C 34 -27.22 8.26 4.72
N ILE C 35 -26.33 8.70 5.63
CA ILE C 35 -24.92 8.40 5.58
C ILE C 35 -24.66 6.96 6.00
N TYR C 36 -25.61 6.30 6.59
CA TYR C 36 -25.38 4.93 7.03
C TYR C 36 -25.66 3.95 5.91
N TYR C 37 -25.86 4.46 4.70
CA TYR C 37 -25.86 3.69 3.48
C TYR C 37 -24.50 3.73 2.78
N VAL C 38 -23.80 4.85 2.80
CA VAL C 38 -22.47 4.83 2.21
C VAL C 38 -21.52 4.02 3.10
N ALA C 39 -21.80 3.94 4.40
CA ALA C 39 -21.16 2.93 5.24
C ALA C 39 -21.53 1.56 4.77
N TYR C 40 -22.73 1.38 4.26
CA TYR C 40 -22.92 0.07 3.69
C TYR C 40 -22.49 0.03 2.23
N GLN C 41 -22.23 1.18 1.62
CA GLN C 41 -21.55 1.13 0.34
C GLN C 41 -20.03 1.16 0.50
N ASN C 42 -19.52 0.94 1.71
CA ASN C 42 -18.11 0.67 1.88
C ASN C 42 -17.84 -0.74 2.33
N LEU C 43 -18.57 -1.26 3.31
CA LEU C 43 -18.25 -2.55 3.93
C LEU C 43 -18.72 -3.67 3.03
N TYR C 44 -18.06 -3.77 1.89
CA TYR C 44 -18.02 -5.01 1.13
C TYR C 44 -16.63 -5.30 0.54
N SER C 45 -15.61 -4.49 0.83
CA SER C 45 -14.34 -4.61 0.12
C SER C 45 -13.16 -4.77 1.07
N ASN C 46 -13.38 -5.42 2.20
CA ASN C 46 -12.36 -5.66 3.22
C ASN C 46 -12.20 -7.16 3.48
N LYS C 47 -10.94 -7.61 3.62
CA LYS C 47 -10.64 -9.05 3.56
C LYS C 47 -11.02 -9.77 4.86
N GLY C 48 -10.75 -9.17 6.01
CA GLY C 48 -10.91 -9.83 7.30
C GLY C 48 -12.27 -9.67 7.97
N ALA C 49 -13.29 -10.43 7.54
CA ALA C 49 -14.65 -10.25 8.03
C ALA C 49 -15.19 -11.39 8.88
N SER C 50 -14.44 -12.50 9.04
CA SER C 50 -14.90 -13.68 9.77
C SER C 50 -14.41 -13.75 11.22
N THR C 51 -13.24 -13.18 11.50
CA THR C 51 -12.72 -13.04 12.85
C THR C 51 -13.59 -12.02 13.57
N LYS C 52 -13.98 -12.33 14.81
CA LYS C 52 -14.87 -11.46 15.54
C LYS C 52 -14.23 -11.01 16.84
N GLY C 53 -14.74 -9.89 17.38
CA GLY C 53 -14.49 -9.51 18.75
C GLY C 53 -15.18 -10.43 19.76
N ILE C 54 -15.40 -9.95 20.99
CA ILE C 54 -15.70 -10.88 22.09
C ILE C 54 -17.09 -11.50 21.99
N LEU C 55 -18.15 -10.70 21.83
CA LEU C 55 -19.53 -11.16 21.65
C LEU C 55 -19.66 -11.82 20.29
N ASP C 56 -20.69 -12.66 20.13
CA ASP C 56 -20.83 -13.57 18.98
C ASP C 56 -21.61 -12.96 17.82
N ASP C 57 -21.94 -11.66 17.87
CA ASP C 57 -22.76 -10.95 16.89
C ASP C 57 -22.09 -11.00 15.52
N THR C 58 -22.67 -11.79 14.60
CA THR C 58 -22.11 -12.03 13.28
C THR C 58 -22.22 -10.75 12.44
N ALA C 59 -21.38 -10.62 11.41
CA ALA C 59 -20.97 -9.32 10.86
C ALA C 59 -22.00 -8.70 9.93
N ASP C 60 -23.27 -9.00 10.13
CA ASP C 60 -24.36 -8.65 9.23
C ASP C 60 -25.53 -8.18 10.06
N GLY C 61 -26.59 -7.79 9.36
CA GLY C 61 -27.83 -7.42 10.01
C GLY C 61 -28.34 -6.10 9.52
N PHE C 62 -27.95 -5.74 8.31
CA PHE C 62 -28.15 -4.39 7.82
C PHE C 62 -29.62 -4.18 7.51
N SER C 63 -30.30 -3.59 8.47
CA SER C 63 -31.73 -3.36 8.47
C SER C 63 -31.94 -1.94 8.98
N GLU C 64 -32.94 -1.26 8.41
CA GLU C 64 -33.24 0.08 8.87
C GLU C 64 -33.76 0.14 10.28
N GLU C 65 -34.26 -0.95 10.82
CA GLU C 65 -34.70 -0.86 12.21
C GLU C 65 -33.51 -0.86 13.17
N LYS C 66 -32.44 -1.59 12.85
CA LYS C 66 -31.30 -1.49 13.75
C LYS C 66 -30.47 -0.27 13.50
N ILE C 67 -30.69 0.43 12.39
CA ILE C 67 -30.30 1.83 12.25
C ILE C 67 -30.86 2.69 13.39
N LYS C 68 -32.15 2.51 13.71
CA LYS C 68 -32.71 3.16 14.89
C LYS C 68 -32.07 2.63 16.16
N LYS C 69 -31.93 1.30 16.26
CA LYS C 69 -31.17 0.67 17.35
C LYS C 69 -29.71 1.07 17.33
N ILE C 70 -29.20 1.48 16.19
CA ILE C 70 -28.00 2.30 16.29
C ILE C 70 -28.37 3.71 16.78
N ILE C 71 -29.06 4.53 15.95
CA ILE C 71 -28.95 6.00 16.06
C ILE C 71 -29.55 6.50 17.36
N GLN C 72 -30.51 5.77 17.94
CA GLN C 72 -31.01 6.15 19.25
C GLN C 72 -29.98 5.87 20.33
N SER C 73 -29.13 4.86 20.11
CA SER C 73 -28.12 4.59 21.14
C SER C 73 -26.95 5.54 21.00
N LEU C 74 -26.75 6.11 19.81
CA LEU C 74 -25.83 7.22 19.66
C LEU C 74 -26.32 8.46 20.35
N LYS C 75 -27.58 8.50 20.73
CA LYS C 75 -28.08 9.69 21.36
C LYS C 75 -27.71 9.73 22.83
N ASP C 76 -28.27 8.83 23.63
CA ASP C 76 -28.14 9.03 25.06
C ASP C 76 -26.86 8.51 25.69
N GLY C 77 -25.74 8.48 24.95
CA GLY C 77 -24.44 8.12 25.48
C GLY C 77 -24.43 6.71 26.00
N THR C 78 -25.23 5.84 25.38
CA THR C 78 -25.44 4.48 25.86
C THR C 78 -24.83 3.44 24.93
N TYR C 79 -24.17 3.89 23.88
CA TYR C 79 -23.37 3.01 23.07
C TYR C 79 -21.91 3.09 23.53
N TYR C 80 -21.35 1.92 23.86
CA TYR C 80 -20.06 1.66 24.47
C TYR C 80 -19.40 0.44 23.84
N PRO C 81 -18.33 0.63 23.06
CA PRO C 81 -17.88 -0.40 22.14
C PRO C 81 -17.05 -1.44 22.85
N GLN C 82 -16.90 -2.62 22.21
CA GLN C 82 -16.57 -3.87 22.88
C GLN C 82 -15.19 -3.89 23.54
N PRO C 83 -15.02 -4.71 24.59
CA PRO C 83 -13.69 -5.06 25.11
C PRO C 83 -12.94 -6.14 24.34
N VAL C 84 -11.84 -6.65 24.93
CA VAL C 84 -10.73 -7.23 24.14
C VAL C 84 -10.81 -8.78 24.01
N ARG C 85 -10.45 -9.25 22.81
CA ARG C 85 -10.21 -10.67 22.55
C ARG C 85 -8.88 -10.84 21.82
N ARG C 86 -7.85 -11.22 22.57
CA ARG C 86 -6.46 -11.22 22.13
C ARG C 86 -6.08 -12.60 21.60
N MET C 87 -6.53 -12.91 20.41
CA MET C 87 -6.16 -14.18 19.80
C MET C 87 -4.85 -13.91 19.07
N TYR C 88 -3.74 -14.25 19.73
CA TYR C 88 -2.41 -13.70 19.45
C TYR C 88 -1.87 -14.23 18.12
N ILE C 89 -1.09 -13.39 17.41
CA ILE C 89 -0.26 -13.87 16.31
C ILE C 89 0.99 -12.99 16.19
N ALA C 90 2.10 -13.59 15.75
CA ALA C 90 3.41 -12.92 15.76
C ALA C 90 3.93 -12.62 14.35
N LYS C 91 4.73 -11.56 14.24
CA LYS C 91 5.31 -11.05 13.00
C LYS C 91 6.31 -12.05 12.40
N LYS C 92 6.50 -11.95 11.08
CA LYS C 92 7.41 -12.82 10.34
C LYS C 92 8.85 -12.76 10.87
N ASN C 93 9.47 -13.94 10.98
CA ASN C 93 10.91 -14.15 11.24
C ASN C 93 11.38 -13.59 12.59
N SER C 94 10.44 -13.24 13.46
CA SER C 94 10.71 -12.55 14.72
C SER C 94 9.67 -13.02 15.72
N LYS C 95 9.95 -12.79 16.99
CA LYS C 95 9.09 -13.28 18.07
C LYS C 95 8.18 -12.19 18.66
N LYS C 96 7.74 -11.20 17.87
CA LYS C 96 7.00 -10.05 18.41
C LYS C 96 5.52 -10.08 18.03
N MET C 97 4.67 -9.81 19.04
CA MET C 97 3.23 -9.65 18.89
C MET C 97 2.85 -8.19 19.19
N ARG C 98 2.05 -7.64 18.31
CA ARG C 98 1.48 -6.32 18.17
C ARG C 98 -0.04 -6.50 18.13
N PRO C 99 -0.78 -5.85 19.04
CA PRO C 99 -2.10 -6.38 19.40
C PRO C 99 -3.10 -6.27 18.25
N LEU C 100 -4.01 -7.23 18.18
CA LEU C 100 -4.88 -7.39 17.03
C LEU C 100 -6.31 -7.14 17.44
N GLY C 101 -7.05 -6.43 16.58
CA GLY C 101 -8.36 -5.91 16.91
C GLY C 101 -9.47 -6.06 15.88
N ILE C 102 -10.69 -6.13 16.41
CA ILE C 102 -11.91 -6.41 15.68
C ILE C 102 -13.07 -5.89 16.52
N PRO C 103 -14.10 -5.37 15.89
CA PRO C 103 -15.40 -5.17 16.54
C PRO C 103 -16.48 -6.23 16.33
N THR C 104 -17.69 -5.80 16.73
CA THR C 104 -19.02 -6.24 16.33
C THR C 104 -19.54 -5.30 15.24
N PHE C 105 -20.38 -5.86 14.33
CA PHE C 105 -20.89 -5.18 13.12
C PHE C 105 -21.36 -3.77 13.36
N THR C 106 -21.95 -3.51 14.53
CA THR C 106 -22.43 -2.18 14.90
C THR C 106 -21.32 -1.17 14.85
N ASP C 107 -20.19 -1.54 15.45
CA ASP C 107 -19.11 -0.62 15.63
C ASP C 107 -18.52 -0.25 14.29
N LYS C 108 -18.30 -1.25 13.40
CA LYS C 108 -17.95 -1.18 11.98
C LYS C 108 -18.80 -0.32 11.21
N LEU C 109 -19.98 0.13 11.63
CA LEU C 109 -20.78 0.94 10.75
C LEU C 109 -20.84 2.35 11.29
N ILE C 110 -20.58 2.48 12.60
CA ILE C 110 -20.31 3.79 13.17
C ILE C 110 -18.91 4.23 12.86
N GLN C 111 -17.97 3.31 13.05
CA GLN C 111 -16.57 3.56 12.80
C GLN C 111 -16.36 3.95 11.36
N GLU C 112 -16.89 3.13 10.45
CA GLU C 112 -16.87 3.42 9.03
C GLU C 112 -17.68 4.63 8.66
N ALA C 113 -18.41 5.24 9.60
CA ALA C 113 -19.09 6.51 9.41
C ALA C 113 -18.40 7.67 10.11
N VAL C 114 -17.78 7.44 11.26
CA VAL C 114 -16.99 8.51 11.86
C VAL C 114 -15.66 8.64 11.14
N ARG C 115 -15.29 7.62 10.35
CA ARG C 115 -14.23 7.76 9.38
C ARG C 115 -14.58 8.79 8.35
N ILE C 116 -15.82 8.74 7.82
CA ILE C 116 -16.21 9.59 6.69
C ILE C 116 -16.38 11.02 7.14
N ILE C 117 -16.83 11.23 8.37
CA ILE C 117 -16.84 12.60 8.81
C ILE C 117 -15.44 13.07 9.06
N LEU C 118 -14.61 12.25 9.67
CA LEU C 118 -13.28 12.74 9.93
C LEU C 118 -12.46 12.79 8.67
N GLU C 119 -12.73 11.92 7.70
CA GLU C 119 -12.10 12.10 6.41
C GLU C 119 -12.58 13.33 5.70
N SER C 120 -13.69 13.91 6.09
CA SER C 120 -14.06 15.08 5.35
C SER C 120 -13.28 16.29 5.80
N ILE C 121 -12.84 16.31 7.05
CA ILE C 121 -12.27 17.55 7.56
C ILE C 121 -10.77 17.56 7.40
N TYR C 122 -10.14 16.41 7.60
CA TYR C 122 -8.70 16.37 7.73
C TYR C 122 -7.98 16.13 6.43
N GLU C 123 -8.67 15.52 5.48
CA GLU C 123 -8.10 15.18 4.18
C GLU C 123 -7.52 16.35 3.38
N PRO C 124 -8.11 17.54 3.33
CA PRO C 124 -7.33 18.64 2.77
C PRO C 124 -6.46 19.35 3.78
N VAL C 125 -6.10 18.71 4.88
CA VAL C 125 -5.06 19.27 5.72
C VAL C 125 -3.85 18.33 5.81
N PHE C 126 -4.01 17.06 5.45
CA PHE C 126 -2.89 16.14 5.33
C PHE C 126 -1.94 16.63 4.30
N GLU C 127 -0.70 16.73 4.69
CA GLU C 127 0.32 17.31 3.85
C GLU C 127 0.67 16.36 2.73
N ASP C 128 1.39 16.87 1.72
CA ASP C 128 1.66 16.05 0.56
C ASP C 128 2.65 14.92 0.83
N VAL C 129 3.55 15.08 1.81
CA VAL C 129 4.66 14.15 2.01
C VAL C 129 4.23 12.85 2.64
N SER C 130 3.13 12.85 3.33
CA SER C 130 2.56 11.62 3.81
C SER C 130 2.00 10.92 2.63
N HIS C 131 2.12 9.63 2.58
CA HIS C 131 1.47 8.90 1.53
C HIS C 131 0.75 7.72 2.12
N GLY C 132 0.32 7.78 3.38
CA GLY C 132 -0.12 6.60 4.07
C GLY C 132 -1.58 6.59 4.48
N PHE C 133 -2.27 5.54 4.09
CA PHE C 133 -3.71 5.31 4.28
C PHE C 133 -4.54 6.48 3.78
N ARG C 134 -4.40 6.81 2.51
CA ARG C 134 -5.06 7.99 1.99
C ARG C 134 -5.81 7.61 0.73
N PRO C 135 -6.61 8.53 0.17
CA PRO C 135 -7.11 8.31 -1.19
C PRO C 135 -6.13 8.81 -2.25
N GLN C 136 -6.05 8.05 -3.34
CA GLN C 136 -5.25 8.36 -4.54
C GLN C 136 -3.76 8.37 -4.26
N ARG C 137 -3.32 7.60 -3.26
CA ARG C 137 -1.93 7.53 -2.88
C ARG C 137 -1.71 6.16 -2.32
N SER C 138 -0.56 5.59 -2.63
CA SER C 138 -0.27 4.20 -2.24
C SER C 138 1.22 4.06 -2.02
N CYS C 139 1.67 2.81 -2.04
CA CYS C 139 3.09 2.53 -1.91
C CYS C 139 3.86 3.21 -3.00
N HIS C 140 3.34 3.10 -4.21
CA HIS C 140 4.03 3.49 -5.41
C HIS C 140 4.09 4.97 -5.61
N THR C 141 3.24 5.74 -4.99
CA THR C 141 3.40 7.17 -5.15
C THR C 141 4.52 7.64 -4.25
N ALA C 142 4.79 6.88 -3.20
CA ALA C 142 5.90 7.27 -2.35
C ALA C 142 7.19 7.01 -3.06
N LEU C 143 7.31 5.82 -3.65
CA LEU C 143 8.49 5.44 -4.39
C LEU C 143 8.76 6.39 -5.53
N LYS C 144 7.72 6.70 -6.31
CA LYS C 144 7.83 7.64 -7.38
C LYS C 144 8.22 9.02 -6.92
N THR C 145 7.91 9.39 -5.69
CA THR C 145 8.31 10.70 -5.24
C THR C 145 9.76 10.71 -4.92
N ILE C 146 10.25 9.58 -4.45
CA ILE C 146 11.66 9.46 -4.21
C ILE C 146 12.40 9.51 -5.54
N LYS C 147 11.89 8.82 -6.56
CA LYS C 147 12.53 8.82 -7.88
C LYS C 147 12.53 10.16 -8.57
N ARG C 148 11.92 11.21 -8.03
CA ARG C 148 12.06 12.51 -8.62
C ARG C 148 12.88 13.50 -7.80
N GLU C 149 12.42 13.90 -6.63
CA GLU C 149 12.98 15.05 -5.97
C GLU C 149 13.97 14.66 -4.89
N PHE C 150 14.17 13.37 -4.65
CA PHE C 150 15.31 12.91 -3.89
C PHE C 150 16.55 12.88 -4.70
N GLY C 151 16.47 13.16 -5.99
CA GLY C 151 17.55 12.86 -6.89
C GLY C 151 18.76 13.70 -6.58
N GLY C 152 19.85 13.01 -6.33
CA GLY C 152 21.05 13.75 -6.10
C GLY C 152 21.18 14.29 -4.71
N ALA C 153 21.17 13.45 -3.71
CA ALA C 153 21.41 13.95 -2.38
C ALA C 153 22.48 13.13 -1.71
N ARG C 154 23.35 13.81 -0.95
CA ARG C 154 24.58 13.20 -0.49
C ARG C 154 24.32 12.14 0.58
N TRP C 155 23.34 12.35 1.48
CA TRP C 155 23.09 11.48 2.65
C TRP C 155 21.61 11.27 2.95
N PHE C 156 21.37 10.25 3.77
CA PHE C 156 20.07 9.72 4.15
C PHE C 156 19.92 9.79 5.67
N VAL C 157 18.68 9.68 6.20
CA VAL C 157 18.42 9.48 7.62
C VAL C 157 17.30 8.44 7.71
N GLU C 158 17.64 7.18 7.82
CA GLU C 158 16.64 6.17 7.47
C GLU C 158 15.75 5.73 8.63
N GLY C 159 14.86 6.62 9.08
CA GLY C 159 14.36 6.61 10.45
C GLY C 159 13.57 5.39 10.89
N ASP C 160 13.49 5.25 12.22
CA ASP C 160 12.63 4.30 12.92
C ASP C 160 12.20 4.91 14.24
N ILE C 161 10.97 4.58 14.64
CA ILE C 161 10.40 4.98 15.90
C ILE C 161 9.99 3.71 16.62
N LYS C 162 10.41 3.57 17.89
CA LYS C 162 10.36 2.31 18.62
C LYS C 162 8.94 1.94 18.96
N GLY C 163 8.38 1.06 18.14
CA GLY C 163 7.00 0.68 18.21
C GLY C 163 6.14 1.92 18.11
N CYS C 164 6.10 2.58 16.96
CA CYS C 164 5.39 3.85 16.90
C CYS C 164 3.90 3.69 16.97
N PHE C 165 3.38 2.49 16.76
CA PHE C 165 1.95 2.34 16.62
C PHE C 165 1.31 1.51 17.71
N ASP C 166 2.06 1.14 18.73
CA ASP C 166 1.54 0.71 20.02
C ASP C 166 1.90 1.71 21.09
N ASN C 167 2.78 2.63 20.80
CA ASN C 167 3.10 3.69 21.71
C ASN C 167 2.23 4.90 21.49
N ILE C 168 1.09 4.75 20.83
CA ILE C 168 0.29 5.92 20.50
C ILE C 168 -0.40 6.37 21.77
N ASP C 169 -0.19 7.62 22.11
CA ASP C 169 -0.68 8.21 23.34
C ASP C 169 -2.18 8.42 23.30
N HIS C 170 -2.95 7.77 24.18
CA HIS C 170 -4.37 8.02 24.12
C HIS C 170 -4.82 9.34 24.68
N VAL C 171 -3.94 10.25 25.05
CA VAL C 171 -4.43 11.44 25.73
C VAL C 171 -3.95 12.69 25.05
N THR C 172 -2.82 12.64 24.34
CA THR C 172 -2.45 13.85 23.63
C THR C 172 -2.87 13.76 22.19
N LEU C 173 -3.33 12.59 21.73
CA LEU C 173 -4.05 12.52 20.47
C LEU C 173 -5.29 13.36 20.52
N ILE C 174 -6.18 13.07 21.45
CA ILE C 174 -7.41 13.81 21.62
C ILE C 174 -7.23 15.28 21.96
N GLY C 175 -6.12 15.67 22.55
CA GLY C 175 -5.85 17.09 22.66
C GLY C 175 -5.59 17.77 21.34
N LEU C 176 -5.12 17.02 20.34
CA LEU C 176 -4.78 17.61 19.04
C LEU C 176 -6.01 17.75 18.16
N ILE C 177 -6.89 16.73 18.17
CA ILE C 177 -8.19 16.80 17.52
C ILE C 177 -8.94 18.04 17.95
N ASN C 178 -9.00 18.27 19.24
CA ASN C 178 -9.69 19.38 19.85
C ASN C 178 -8.92 20.68 19.75
N LEU C 179 -8.03 20.83 18.79
CA LEU C 179 -7.75 22.14 18.22
C LEU C 179 -8.66 22.45 17.06
N LYS C 180 -9.06 21.43 16.32
CA LYS C 180 -9.80 21.58 15.08
C LYS C 180 -11.30 21.45 15.28
N ILE C 181 -11.75 20.24 15.64
CA ILE C 181 -13.10 19.96 16.07
C ILE C 181 -13.28 20.55 17.47
N LYS C 182 -14.12 21.56 17.62
CA LYS C 182 -14.41 22.17 18.91
C LYS C 182 -15.70 21.58 19.45
N ASP C 183 -15.92 20.28 19.26
CA ASP C 183 -17.19 19.62 19.55
C ASP C 183 -17.06 18.64 20.69
N MET C 184 -18.08 18.66 21.54
CA MET C 184 -18.03 18.08 22.87
C MET C 184 -18.37 16.60 22.86
N LYS C 185 -19.45 16.24 22.18
CA LYS C 185 -19.90 14.86 22.19
C LYS C 185 -19.19 14.00 21.16
N MET C 186 -18.49 14.63 20.21
CA MET C 186 -17.68 13.87 19.25
C MET C 186 -16.50 13.16 19.93
N SER C 187 -15.69 13.91 20.69
CA SER C 187 -14.51 13.37 21.33
C SER C 187 -14.82 12.22 22.25
N GLN C 188 -15.92 12.29 22.96
CA GLN C 188 -16.31 11.21 23.85
C GLN C 188 -16.74 9.99 23.06
N LEU C 189 -17.20 10.18 21.84
CA LEU C 189 -17.43 9.03 20.99
C LEU C 189 -16.12 8.51 20.46
N ILE C 190 -15.17 9.41 20.23
CA ILE C 190 -13.83 8.97 19.83
C ILE C 190 -13.16 8.27 20.99
N TYR C 191 -13.36 8.75 22.20
CA TYR C 191 -12.63 8.21 23.33
C TYR C 191 -13.29 6.99 23.88
N LYS C 192 -14.48 6.68 23.39
CA LYS C 192 -14.95 5.33 23.52
C LYS C 192 -14.15 4.41 22.63
N PHE C 193 -13.60 4.93 21.56
CA PHE C 193 -12.88 4.01 20.72
C PHE C 193 -11.45 3.78 21.19
N LEU C 194 -10.84 4.75 21.87
CA LEU C 194 -9.46 4.55 22.28
C LEU C 194 -9.37 3.54 23.40
N LYS C 195 -9.85 3.90 24.58
CA LYS C 195 -9.49 3.17 25.78
C LYS C 195 -10.47 2.06 26.08
N ALA C 196 -11.64 2.08 25.48
CA ALA C 196 -12.45 0.89 25.47
C ALA C 196 -12.12 0.00 24.29
N GLY C 197 -11.29 0.49 23.40
CA GLY C 197 -10.83 -0.36 22.37
C GLY C 197 -9.60 -1.06 22.83
N TYR C 198 -8.70 -1.16 21.88
CA TYR C 198 -7.64 -2.14 21.74
C TYR C 198 -6.37 -1.37 21.44
N LEU C 199 -5.38 -2.04 20.79
CA LEU C 199 -4.57 -1.29 19.83
C LEU C 199 -4.26 -2.03 18.54
N GLU C 200 -4.85 -3.20 18.33
CA GLU C 200 -5.60 -3.53 17.10
C GLU C 200 -4.83 -3.54 15.75
N ASN C 201 -3.53 -3.92 15.67
CA ASN C 201 -2.73 -3.88 14.43
C ASN C 201 -2.09 -5.23 14.05
N TRP C 202 -1.67 -5.37 12.80
CA TRP C 202 -1.00 -6.57 12.26
C TRP C 202 0.46 -6.49 11.80
N GLN C 203 0.87 -7.54 11.08
CA GLN C 203 2.26 -7.82 10.77
C GLN C 203 2.57 -8.33 9.36
N TYR C 204 1.58 -8.66 8.56
CA TYR C 204 1.81 -9.50 7.38
C TYR C 204 2.17 -8.64 6.16
N HIS C 205 3.46 -8.36 6.04
CA HIS C 205 3.90 -7.24 5.20
C HIS C 205 3.81 -7.62 3.72
N LYS C 206 3.71 -8.93 3.47
CA LYS C 206 3.81 -9.69 2.22
C LYS C 206 2.41 -10.03 1.69
N THR C 207 1.41 -9.39 2.25
CA THR C 207 0.05 -9.62 1.83
C THR C 207 -0.28 -8.84 0.61
N TYR C 208 0.31 -7.65 0.54
CA TYR C 208 0.42 -6.77 -0.60
C TYR C 208 1.89 -6.67 -1.04
N SER C 209 2.72 -7.59 -0.54
CA SER C 209 4.11 -7.87 -0.89
C SER C 209 5.02 -6.72 -0.53
N GLY C 210 5.06 -6.38 0.75
CA GLY C 210 5.97 -5.35 1.21
C GLY C 210 5.32 -4.16 1.86
N THR C 211 3.99 -4.13 1.99
CA THR C 211 3.02 -3.18 2.54
C THR C 211 2.52 -3.64 3.93
N PRO C 212 2.52 -2.65 5.02
CA PRO C 212 1.71 -2.86 6.21
C PRO C 212 0.25 -2.35 6.08
N GLN C 213 -0.44 -2.81 5.02
CA GLN C 213 -1.88 -2.53 4.91
C GLN C 213 -2.75 -3.47 5.76
N GLY C 214 -2.53 -4.76 5.71
CA GLY C 214 -2.95 -5.42 6.91
C GLY C 214 -2.10 -5.03 8.07
N GLY C 215 -0.80 -4.91 7.82
CA GLY C 215 0.26 -4.84 8.81
C GLY C 215 0.36 -3.54 9.56
N ILE C 216 -0.42 -2.53 9.18
CA ILE C 216 -1.18 -1.75 10.14
C ILE C 216 -2.64 -1.69 9.68
N LEU C 217 -3.57 -2.09 10.56
CA LEU C 217 -5.02 -2.06 10.30
C LEU C 217 -5.75 -1.04 11.19
N SER C 218 -5.93 0.16 10.67
CA SER C 218 -6.71 1.16 11.35
C SER C 218 -7.38 1.99 10.30
N PRO C 219 -8.44 2.70 10.68
CA PRO C 219 -8.71 3.98 10.05
C PRO C 219 -7.59 5.03 10.19
N LEU C 220 -7.96 6.26 9.83
CA LEU C 220 -7.05 7.39 9.69
C LEU C 220 -6.46 7.88 10.98
N LEU C 221 -6.70 7.20 12.10
CA LEU C 221 -6.40 7.74 13.40
C LEU C 221 -4.92 7.98 13.59
N ALA C 222 -4.14 7.04 13.13
CA ALA C 222 -2.70 7.06 13.23
C ALA C 222 -2.09 8.19 12.45
N ASN C 223 -2.78 8.63 11.41
CA ASN C 223 -2.29 9.71 10.59
C ASN C 223 -2.51 11.06 11.21
N ILE C 224 -3.56 11.20 12.03
CA ILE C 224 -3.88 12.49 12.63
C ILE C 224 -2.85 12.84 13.66
N TYR C 225 -2.31 11.82 14.31
CA TYR C 225 -1.26 11.99 15.28
C TYR C 225 0.00 12.46 14.61
N LEU C 226 0.45 11.71 13.62
CA LEU C 226 1.73 11.93 13.01
C LEU C 226 1.78 13.17 12.21
N HIS C 227 0.64 13.68 11.77
CA HIS C 227 0.60 14.89 10.97
C HIS C 227 1.19 16.10 11.69
N GLU C 228 1.31 16.07 13.02
CA GLU C 228 2.10 17.07 13.71
C GLU C 228 3.59 16.94 13.41
N LEU C 229 4.08 15.75 13.01
CA LEU C 229 5.49 15.63 12.61
C LEU C 229 5.68 16.05 11.17
N ASP C 230 4.74 15.65 10.33
CA ASP C 230 4.71 16.02 8.92
C ASP C 230 4.39 17.48 8.78
N LYS C 231 3.96 18.14 9.84
CA LYS C 231 3.91 19.59 9.86
C LYS C 231 5.19 20.17 10.42
N PHE C 232 5.94 19.40 11.16
CA PHE C 232 7.09 19.96 11.83
C PHE C 232 8.29 19.97 10.92
N VAL C 233 8.55 18.85 10.25
CA VAL C 233 9.78 18.83 9.50
C VAL C 233 9.63 19.59 8.20
N LEU C 234 8.43 19.69 7.65
CA LEU C 234 8.25 20.62 6.55
C LEU C 234 8.19 22.04 7.03
N GLN C 235 8.27 22.29 8.33
CA GLN C 235 8.65 23.59 8.85
C GLN C 235 10.14 23.66 9.11
N LEU C 236 10.77 22.52 9.39
CA LEU C 236 12.22 22.50 9.61
C LEU C 236 12.96 22.75 8.31
N LYS C 237 12.30 22.51 7.20
CA LYS C 237 12.93 22.67 5.90
C LYS C 237 13.27 24.12 5.61
N MET C 238 12.59 25.07 6.24
CA MET C 238 12.95 26.44 5.94
C MET C 238 14.08 26.97 6.82
N LYS C 239 14.17 26.55 8.08
CA LYS C 239 15.30 26.95 8.92
C LYS C 239 16.58 26.37 8.40
N PHE C 240 16.50 25.22 7.75
CA PHE C 240 17.71 24.51 7.38
C PHE C 240 18.38 25.13 6.16
N ASP C 241 17.67 25.19 5.05
CA ASP C 241 18.28 25.49 3.76
C ASP C 241 18.72 26.92 3.66
N ARG C 242 19.93 27.12 3.17
CA ARG C 242 20.47 28.43 2.83
C ARG C 242 21.01 28.34 1.41
N GLU C 243 20.30 28.92 0.46
CA GLU C 243 20.60 28.63 -0.94
C GLU C 243 21.65 29.58 -1.49
N SER C 244 22.77 28.98 -1.89
CA SER C 244 24.00 29.68 -2.21
C SER C 244 23.99 30.00 -3.70
N PRO C 245 24.86 30.87 -4.18
CA PRO C 245 24.87 31.13 -5.62
C PRO C 245 25.49 30.03 -6.46
N GLU C 246 26.48 29.31 -5.92
CA GLU C 246 27.37 28.53 -6.75
C GLU C 246 26.80 27.13 -6.91
N ARG C 247 26.53 26.78 -8.16
CA ARG C 247 25.98 25.50 -8.56
C ARG C 247 26.93 24.74 -9.46
N ILE C 248 27.31 25.33 -10.56
CA ILE C 248 28.44 24.87 -11.35
C ILE C 248 29.71 25.36 -10.68
N THR C 249 30.66 24.45 -10.45
CA THR C 249 31.83 24.77 -9.62
C THR C 249 32.82 25.66 -10.37
N PRO C 250 33.59 26.50 -9.66
CA PRO C 250 34.64 27.29 -10.33
C PRO C 250 35.79 26.47 -10.90
N GLU C 251 35.97 25.22 -10.47
CA GLU C 251 36.85 24.30 -11.18
C GLU C 251 36.28 23.92 -12.54
N TYR C 252 34.97 24.01 -12.71
CA TYR C 252 34.28 23.61 -13.93
C TYR C 252 34.08 24.75 -14.92
N ARG C 253 34.00 26.00 -14.44
CA ARG C 253 33.76 27.11 -15.36
C ARG C 253 35.00 27.47 -16.16
N GLU C 254 36.19 27.07 -15.69
CA GLU C 254 37.39 27.33 -16.46
C GLU C 254 37.56 26.33 -17.60
N LEU C 255 36.99 25.13 -17.45
CA LEU C 255 36.89 24.17 -18.55
C LEU C 255 35.63 24.32 -19.39
N HIS C 256 34.54 24.83 -18.81
CA HIS C 256 33.31 25.01 -19.59
C HIS C 256 33.44 26.19 -20.56
N ASN C 257 34.14 27.26 -20.14
CA ASN C 257 34.24 28.44 -20.99
C ASN C 257 35.23 28.26 -22.13
N GLU C 258 36.28 27.44 -21.96
CA GLU C 258 37.26 27.31 -23.03
C GLU C 258 36.83 26.32 -24.11
N ILE C 259 35.69 25.64 -23.92
CA ILE C 259 35.16 24.78 -24.99
C ILE C 259 34.64 25.65 -26.13
N LYS C 260 33.83 26.67 -25.79
CA LYS C 260 33.18 27.52 -26.78
C LYS C 260 34.16 28.43 -27.52
N ARG C 261 35.37 28.64 -26.98
CA ARG C 261 36.38 29.42 -27.68
C ARG C 261 37.04 28.61 -28.79
N ILE C 262 37.10 27.28 -28.63
CA ILE C 262 37.77 26.43 -29.60
C ILE C 262 36.76 25.62 -30.42
N SER C 263 35.53 25.46 -29.93
CA SER C 263 34.48 24.91 -30.78
C SER C 263 34.05 25.90 -31.86
N HIS C 264 34.23 27.20 -31.59
CA HIS C 264 34.07 28.25 -32.59
C HIS C 264 35.21 28.25 -33.60
N ARG C 265 36.31 27.58 -33.28
CA ARG C 265 37.47 27.50 -34.16
C ARG C 265 37.51 26.21 -34.96
N LEU C 266 36.77 25.18 -34.54
CA LEU C 266 36.76 23.90 -35.24
C LEU C 266 36.17 24.00 -36.63
N LYS C 267 35.12 24.80 -36.80
CA LYS C 267 34.47 25.00 -38.09
C LYS C 267 35.25 25.93 -39.02
N LYS C 268 36.17 26.73 -38.52
CA LYS C 268 36.90 27.65 -39.38
C LYS C 268 37.94 26.96 -40.24
N LEU C 269 38.26 25.70 -39.96
CA LEU C 269 39.24 24.96 -40.74
C LEU C 269 39.05 23.48 -40.52
N GLU C 270 39.03 22.71 -41.60
CA GLU C 270 39.09 21.25 -41.55
C GLU C 270 40.29 20.85 -42.39
N GLY C 271 40.98 19.78 -42.00
CA GLY C 271 42.18 19.37 -42.70
C GLY C 271 43.20 18.72 -41.80
N GLU C 272 44.49 18.84 -42.15
CA GLU C 272 45.52 18.11 -41.42
C GLU C 272 45.85 18.78 -40.09
N GLU C 273 46.00 20.11 -40.07
CA GLU C 273 46.26 20.78 -38.81
C GLU C 273 44.98 21.00 -38.02
N LYS C 274 43.82 20.72 -38.62
CA LYS C 274 42.61 20.55 -37.81
C LYS C 274 42.73 19.33 -36.91
N ALA C 275 43.35 18.26 -37.41
CA ALA C 275 43.45 17.03 -36.65
C ALA C 275 44.46 17.16 -35.51
N LYS C 276 45.43 18.07 -35.66
CA LYS C 276 46.39 18.30 -34.58
C LYS C 276 45.77 19.06 -33.42
N VAL C 277 44.91 20.04 -33.71
CA VAL C 277 44.20 20.73 -32.65
C VAL C 277 42.99 19.90 -32.19
N LEU C 278 42.59 18.92 -33.01
CA LEU C 278 41.55 17.98 -32.62
C LEU C 278 42.03 17.05 -31.51
N LEU C 279 43.34 16.78 -31.47
CA LEU C 279 43.90 16.01 -30.35
C LEU C 279 43.88 16.83 -29.07
N GLU C 280 44.14 18.13 -29.14
CA GLU C 280 43.91 18.94 -27.95
C GLU C 280 42.46 19.42 -27.85
N TYR C 281 41.57 18.88 -28.69
CA TYR C 281 40.14 18.95 -28.46
C TYR C 281 39.59 17.65 -27.89
N GLN C 282 39.98 16.50 -28.44
CA GLN C 282 39.44 15.19 -28.07
C GLN C 282 40.19 14.51 -26.93
N GLU C 283 41.51 14.70 -26.79
CA GLU C 283 42.18 14.18 -25.59
C GLU C 283 42.05 15.16 -24.43
N LYS C 284 41.83 16.45 -24.70
CA LYS C 284 41.43 17.40 -23.66
C LYS C 284 40.01 17.13 -23.17
N ARG C 285 39.20 16.49 -24.01
CA ARG C 285 37.85 16.07 -23.66
C ARG C 285 37.83 14.98 -22.59
N LYS C 286 38.95 14.30 -22.32
CA LYS C 286 38.93 13.14 -21.43
C LYS C 286 38.85 13.52 -19.95
N ARG C 287 39.05 14.79 -19.58
CA ARG C 287 38.72 15.30 -18.26
C ARG C 287 37.55 16.26 -18.28
N LEU C 288 36.76 16.28 -19.34
CA LEU C 288 35.53 17.06 -19.38
C LEU C 288 34.35 16.35 -18.70
N PRO C 289 34.09 15.01 -18.91
CA PRO C 289 33.06 14.40 -18.08
C PRO C 289 33.65 13.87 -16.80
N THR C 290 34.98 13.91 -16.69
CA THR C 290 35.58 13.68 -15.39
C THR C 290 35.41 14.93 -14.51
N LEU C 291 35.29 16.08 -15.14
CA LEU C 291 34.89 17.29 -14.43
C LEU C 291 33.39 17.26 -14.19
N PRO C 292 32.93 17.42 -12.96
CA PRO C 292 31.48 17.33 -12.69
C PRO C 292 30.82 18.70 -12.53
N CYS C 293 29.55 18.75 -12.90
CA CYS C 293 28.77 19.99 -12.96
C CYS C 293 27.83 20.21 -11.77
N THR C 294 28.30 20.03 -10.53
CA THR C 294 27.46 20.04 -9.33
C THR C 294 28.24 20.57 -8.12
N SER C 295 27.53 21.16 -7.15
CA SER C 295 28.18 21.73 -5.97
C SER C 295 27.45 21.38 -4.68
N GLN C 296 28.20 20.89 -3.69
CA GLN C 296 27.61 20.25 -2.52
C GLN C 296 27.68 21.11 -1.25
N THR C 297 27.73 22.43 -1.45
CA THR C 297 27.64 23.40 -0.36
C THR C 297 26.26 24.03 -0.30
N ASN C 298 25.50 23.95 -1.39
CA ASN C 298 24.10 24.30 -1.24
C ASN C 298 23.42 23.26 -0.36
N LYS C 299 22.41 23.67 0.39
CA LYS C 299 21.83 22.82 1.44
C LYS C 299 20.36 22.56 1.17
N VAL C 300 19.97 21.29 1.15
CA VAL C 300 18.65 20.88 0.73
C VAL C 300 18.24 19.63 1.48
N LEU C 301 17.09 19.70 2.13
CA LEU C 301 16.46 18.65 2.91
C LEU C 301 15.26 18.16 2.16
N LYS C 302 14.89 16.90 2.35
CA LYS C 302 13.61 16.47 1.85
C LYS C 302 12.97 15.61 2.92
N TYR C 303 11.77 15.12 2.64
CA TYR C 303 11.04 14.30 3.58
C TYR C 303 10.08 13.47 2.78
N VAL C 304 9.94 12.20 3.11
CA VAL C 304 8.85 11.37 2.64
C VAL C 304 8.43 10.53 3.82
N ARG C 305 7.14 10.26 3.97
CA ARG C 305 6.63 9.43 5.04
C ARG C 305 5.65 8.43 4.48
N TYR C 306 5.77 7.22 4.81
CA TYR C 306 4.62 6.33 4.73
C TYR C 306 4.01 6.33 6.12
N ALA C 307 3.28 5.28 6.50
CA ALA C 307 2.68 5.24 7.81
C ALA C 307 3.69 5.41 8.93
N ASP C 308 4.53 4.43 9.17
CA ASP C 308 5.47 4.51 10.27
C ASP C 308 6.93 4.77 9.87
N ASP C 309 7.34 4.55 8.61
CA ASP C 309 8.69 4.90 8.20
C ASP C 309 8.75 6.32 7.71
N PHE C 310 9.95 6.84 7.66
CA PHE C 310 10.19 8.11 7.01
C PHE C 310 11.64 8.18 6.67
N ILE C 311 11.97 8.87 5.60
CA ILE C 311 13.31 8.85 5.11
C ILE C 311 13.62 10.25 4.72
N ILE C 312 14.81 10.68 4.94
CA ILE C 312 15.06 12.10 4.94
C ILE C 312 16.34 12.31 4.18
N SER C 313 16.28 12.95 3.03
CA SER C 313 17.45 13.08 2.19
C SER C 313 17.94 14.51 2.31
N VAL C 314 19.22 14.67 2.61
CA VAL C 314 19.77 15.96 2.97
C VAL C 314 21.02 16.26 2.15
N LYS C 315 21.08 17.48 1.62
CA LYS C 315 22.26 17.95 0.89
C LYS C 315 23.17 18.68 1.87
N GLY C 316 24.12 17.95 2.42
CA GLY C 316 25.05 18.51 3.35
C GLY C 316 26.09 17.55 3.82
N SER C 317 26.51 17.74 5.05
CA SER C 317 27.66 17.09 5.65
C SER C 317 27.27 15.79 6.31
N LYS C 318 28.10 15.29 7.20
CA LYS C 318 27.56 14.43 8.23
C LYS C 318 27.45 15.16 9.55
N GLU C 319 28.07 16.32 9.63
CA GLU C 319 27.72 17.29 10.65
C GLU C 319 26.24 17.62 10.56
N ASP C 320 25.73 17.89 9.35
CA ASP C 320 24.34 18.25 9.21
C ASP C 320 23.44 17.08 9.51
N CYS C 321 23.70 15.94 8.90
CA CYS C 321 22.85 14.76 9.05
C CYS C 321 22.87 14.18 10.46
N GLN C 322 23.69 14.71 11.36
CA GLN C 322 23.52 14.53 12.79
C GLN C 322 23.13 15.80 13.49
N TRP C 323 22.44 16.69 12.81
CA TRP C 323 21.69 17.74 13.46
C TRP C 323 20.22 17.61 13.22
N ILE C 324 19.86 17.14 12.04
CA ILE C 324 18.51 16.71 11.81
C ILE C 324 18.15 15.51 12.67
N LYS C 325 19.08 14.59 12.87
CA LYS C 325 18.76 13.53 13.81
C LYS C 325 18.84 14.04 15.24
N GLU C 326 19.35 15.24 15.45
CA GLU C 326 19.23 15.83 16.78
C GLU C 326 17.84 16.41 16.99
N GLN C 327 17.42 17.34 16.17
CA GLN C 327 16.13 17.96 16.37
C GLN C 327 15.00 17.09 15.84
N LEU C 328 15.11 15.78 15.91
CA LEU C 328 13.92 14.96 15.94
C LEU C 328 13.69 14.40 17.34
N LYS C 329 14.75 14.04 18.06
CA LYS C 329 14.58 13.53 19.43
C LYS C 329 14.00 14.56 20.37
N LEU C 330 14.36 15.81 20.21
CA LEU C 330 13.68 16.92 20.85
C LEU C 330 12.22 17.06 20.48
N PHE C 331 11.73 16.34 19.48
CA PHE C 331 10.33 16.41 19.14
C PHE C 331 9.55 15.18 19.55
N ILE C 332 9.85 13.99 19.04
CA ILE C 332 9.03 12.82 19.32
C ILE C 332 9.03 12.44 20.79
N HIS C 333 9.90 13.05 21.58
CA HIS C 333 9.80 13.05 23.03
C HIS C 333 8.79 14.05 23.55
N ASN C 334 8.95 15.30 23.16
CA ASN C 334 8.28 16.38 23.84
C ASN C 334 6.85 16.55 23.38
N LYS C 335 6.58 16.34 22.12
CA LYS C 335 5.26 16.58 21.59
C LYS C 335 4.54 15.34 21.13
N LEU C 336 5.19 14.21 21.10
CA LEU C 336 4.44 13.02 20.81
C LEU C 336 4.74 11.87 21.71
N LYS C 337 5.69 11.99 22.65
CA LYS C 337 5.98 11.01 23.70
C LYS C 337 6.33 9.65 23.14
N MET C 338 7.37 9.57 22.30
CA MET C 338 7.80 8.30 21.71
C MET C 338 9.29 8.33 21.40
N GLU C 339 9.92 7.17 21.39
CA GLU C 339 11.37 7.11 21.20
C GLU C 339 11.75 6.78 19.76
N LEU C 340 12.27 7.77 19.08
CA LEU C 340 12.95 7.60 17.81
C LEU C 340 14.26 6.91 18.06
N SER C 341 14.33 5.63 17.73
CA SER C 341 15.34 4.72 18.25
C SER C 341 16.74 5.14 17.79
N GLU C 342 17.61 5.52 18.73
CA GLU C 342 19.00 5.81 18.37
C GLU C 342 19.78 4.59 17.88
N GLU C 343 19.31 3.39 18.16
CA GLU C 343 19.92 2.23 17.52
C GLU C 343 19.64 2.23 16.02
N LYS C 344 18.41 2.53 15.62
CA LYS C 344 18.02 2.28 14.25
C LYS C 344 17.49 3.49 13.52
N THR C 345 17.81 4.68 13.95
CA THR C 345 17.92 5.71 12.95
C THR C 345 19.31 5.56 12.36
N LEU C 346 19.43 4.58 11.46
CA LEU C 346 20.64 4.36 10.68
C LEU C 346 20.88 5.56 9.82
N ILE C 347 21.93 6.31 10.06
CA ILE C 347 22.46 7.13 9.01
C ILE C 347 23.26 6.21 8.13
N THR C 348 22.85 6.06 6.89
CA THR C 348 23.73 5.49 5.89
C THR C 348 23.88 6.52 4.80
N HIS C 349 25.12 6.88 4.53
CA HIS C 349 25.51 7.65 3.37
C HIS C 349 24.97 7.08 2.07
N SER C 350 24.60 7.97 1.12
CA SER C 350 23.58 7.64 0.13
C SER C 350 23.99 6.56 -0.84
N SER C 351 25.26 6.47 -1.18
CA SER C 351 25.72 5.59 -2.25
C SER C 351 25.67 4.11 -1.88
N GLN C 352 25.36 3.79 -0.65
CA GLN C 352 25.07 2.54 0.03
C GLN C 352 23.57 2.30 0.01
N PRO C 353 23.08 1.06 0.06
CA PRO C 353 21.65 0.85 0.00
C PRO C 353 20.98 1.21 1.30
N ALA C 354 19.91 2.02 1.20
CA ALA C 354 18.92 2.24 2.25
C ALA C 354 17.93 1.11 2.22
N ARG C 355 16.81 1.31 2.90
CA ARG C 355 15.72 0.35 2.85
C ARG C 355 14.49 1.08 3.33
N PHE C 356 13.51 1.18 2.45
CA PHE C 356 12.35 2.01 2.63
C PHE C 356 11.32 1.33 1.80
N LEU C 357 10.31 0.79 2.43
CA LEU C 357 9.18 0.13 1.80
C LEU C 357 9.55 -1.14 1.10
N GLY C 358 10.64 -1.75 1.42
CA GLY C 358 10.88 -3.03 0.78
C GLY C 358 11.68 -2.94 -0.50
N TYR C 359 12.20 -1.76 -0.80
CA TYR C 359 13.06 -1.45 -1.90
C TYR C 359 14.42 -1.22 -1.30
N ASP C 360 15.45 -1.22 -2.10
CA ASP C 360 16.73 -0.69 -1.71
C ASP C 360 16.86 0.60 -2.48
N ILE C 361 17.22 1.69 -1.83
CA ILE C 361 17.09 3.00 -2.45
C ILE C 361 18.37 3.80 -2.28
N ARG C 362 18.90 4.35 -3.38
CA ARG C 362 20.25 4.89 -3.44
C ARG C 362 20.50 5.83 -4.61
N VAL C 363 21.55 6.61 -4.58
CA VAL C 363 21.87 7.53 -5.66
C VAL C 363 22.98 6.88 -6.48
N ARG C 364 22.97 7.03 -7.79
CA ARG C 364 24.08 6.47 -8.57
C ARG C 364 25.20 7.48 -8.61
N ARG C 365 26.43 7.00 -8.44
CA ARG C 365 27.61 7.78 -8.72
C ARG C 365 28.54 7.13 -9.73
N SER C 366 28.18 5.94 -10.22
CA SER C 366 28.92 5.25 -11.26
C SER C 366 28.96 6.08 -12.52
N GLY C 367 30.16 6.56 -12.82
CA GLY C 367 30.35 7.62 -13.81
C GLY C 367 30.45 7.05 -15.20
N THR C 368 29.35 6.49 -15.70
CA THR C 368 29.39 6.03 -17.07
C THR C 368 28.91 7.18 -17.94
N ILE C 369 29.24 7.10 -19.22
CA ILE C 369 28.95 8.16 -20.18
C ILE C 369 28.24 7.52 -21.36
N LYS C 370 26.92 7.53 -21.32
CA LYS C 370 26.13 7.02 -22.42
C LYS C 370 26.10 8.02 -23.56
N ARG C 371 25.35 7.69 -24.60
CA ARG C 371 24.86 8.65 -25.58
C ARG C 371 23.40 8.90 -25.27
N SER C 372 22.96 10.13 -25.38
CA SER C 372 21.55 10.41 -25.66
C SER C 372 21.39 10.74 -27.14
N GLY C 373 22.06 9.97 -27.99
CA GLY C 373 22.07 10.26 -29.41
C GLY C 373 23.06 11.33 -29.83
N LYS C 374 22.60 12.26 -30.68
CA LYS C 374 23.43 13.40 -31.08
C LYS C 374 23.73 14.32 -29.88
N VAL C 375 22.80 14.47 -28.95
CA VAL C 375 23.05 15.19 -27.70
C VAL C 375 23.54 14.16 -26.68
N LYS C 376 24.26 14.61 -25.65
CA LYS C 376 24.89 13.70 -24.68
C LYS C 376 24.94 14.33 -23.28
N LYS C 377 24.11 13.85 -22.37
CA LYS C 377 24.23 14.10 -20.93
C LYS C 377 24.70 12.80 -20.31
N ARG C 378 25.16 12.84 -19.07
CA ARG C 378 25.37 11.65 -18.27
C ARG C 378 24.05 11.24 -17.65
N THR C 379 23.40 10.24 -18.22
CA THR C 379 22.07 9.79 -17.84
C THR C 379 22.10 8.88 -16.63
N LEU C 380 23.28 8.58 -16.09
CA LEU C 380 23.33 7.74 -14.92
C LEU C 380 23.94 8.40 -13.71
N ASN C 381 24.22 9.68 -13.73
CA ASN C 381 24.81 10.30 -12.55
C ASN C 381 23.72 10.98 -11.74
N GLY C 382 23.58 10.60 -10.47
CA GLY C 382 22.66 11.28 -9.60
C GLY C 382 21.23 10.94 -9.87
N SER C 383 20.98 9.81 -10.43
CA SER C 383 19.64 9.32 -10.62
C SER C 383 19.34 8.37 -9.50
N VAL C 384 18.23 8.56 -8.82
CA VAL C 384 17.87 7.63 -7.78
C VAL C 384 17.37 6.35 -8.43
N GLU C 385 17.99 5.24 -8.13
CA GLU C 385 17.70 4.06 -8.90
C GLU C 385 17.30 2.95 -7.95
N LEU C 386 16.02 2.66 -7.92
CA LEU C 386 15.45 1.74 -6.96
C LEU C 386 15.81 0.33 -7.30
N LEU C 387 15.77 -0.56 -6.34
CA LEU C 387 16.30 -1.88 -6.55
C LEU C 387 15.54 -2.85 -5.69
N ILE C 388 15.28 -4.04 -6.18
CA ILE C 388 14.85 -5.09 -5.27
C ILE C 388 15.96 -5.39 -4.28
N PRO C 389 15.67 -5.70 -2.99
CA PRO C 389 16.56 -6.58 -2.23
C PRO C 389 16.40 -8.06 -2.56
N LEU C 390 17.19 -8.54 -3.52
CA LEU C 390 17.15 -9.94 -3.84
C LEU C 390 17.70 -10.79 -2.74
N GLN C 391 18.61 -10.24 -1.97
CA GLN C 391 19.27 -11.01 -0.94
C GLN C 391 18.51 -11.06 0.38
N ASP C 392 17.76 -10.02 0.71
CA ASP C 392 16.94 -10.06 1.90
C ASP C 392 15.58 -10.63 1.56
N LYS C 393 14.94 -10.11 0.52
CA LYS C 393 13.51 -10.27 0.35
C LYS C 393 13.12 -11.39 -0.58
N ILE C 394 13.69 -11.46 -1.78
CA ILE C 394 13.26 -12.55 -2.62
C ILE C 394 13.90 -13.84 -2.22
N ARG C 395 15.13 -13.80 -1.70
CA ARG C 395 15.72 -14.98 -1.11
C ARG C 395 14.83 -15.55 -0.02
N GLN C 396 14.22 -14.68 0.78
CA GLN C 396 13.33 -15.14 1.85
C GLN C 396 12.11 -15.79 1.29
N PHE C 397 11.41 -15.12 0.36
CA PHE C 397 10.19 -15.63 -0.27
C PHE C 397 10.37 -17.00 -0.93
N ILE C 398 11.48 -17.22 -1.62
CA ILE C 398 11.68 -18.43 -2.37
C ILE C 398 11.82 -19.60 -1.42
N PHE C 399 12.36 -19.35 -0.26
CA PHE C 399 12.50 -20.43 0.70
C PHE C 399 11.37 -20.50 1.71
N ASP C 400 10.63 -19.41 1.92
CA ASP C 400 9.50 -19.44 2.84
C ASP C 400 8.33 -20.16 2.23
N LYS C 401 8.25 -20.22 0.93
CA LYS C 401 7.15 -20.93 0.31
C LYS C 401 7.55 -22.26 -0.25
N LYS C 402 8.83 -22.61 -0.10
CA LYS C 402 9.39 -23.88 -0.50
C LYS C 402 9.34 -24.09 -2.00
N ILE C 403 9.68 -23.06 -2.77
CA ILE C 403 9.98 -23.32 -4.17
C ILE C 403 11.24 -24.14 -4.29
N ALA C 404 12.37 -23.56 -3.89
CA ALA C 404 13.67 -23.99 -4.35
C ALA C 404 14.45 -24.75 -3.28
N ILE C 405 15.70 -25.04 -3.59
CA ILE C 405 16.61 -25.86 -2.81
C ILE C 405 17.99 -25.30 -3.02
N GLN C 406 18.77 -25.09 -1.98
CA GLN C 406 20.12 -24.69 -2.26
C GLN C 406 20.95 -25.91 -2.62
N LYS C 407 21.71 -25.83 -3.70
CA LYS C 407 22.54 -26.94 -4.12
C LYS C 407 23.95 -26.74 -3.62
N LYS C 408 24.77 -27.74 -3.87
CA LYS C 408 26.06 -27.79 -3.25
C LYS C 408 27.03 -26.81 -3.88
N ASP C 409 26.66 -26.21 -5.01
CA ASP C 409 27.35 -25.01 -5.47
C ASP C 409 26.55 -23.74 -5.25
N SER C 410 25.63 -23.72 -4.31
CA SER C 410 24.74 -22.61 -3.95
C SER C 410 23.69 -22.27 -5.00
N SER C 411 23.47 -23.10 -5.99
CA SER C 411 22.54 -22.78 -7.05
C SER C 411 21.16 -23.31 -6.72
N TRP C 412 20.14 -22.44 -6.82
CA TRP C 412 18.83 -22.82 -6.37
C TRP C 412 18.10 -23.51 -7.48
N PHE C 413 17.73 -24.75 -7.25
CA PHE C 413 17.14 -25.63 -8.24
C PHE C 413 15.72 -25.87 -7.77
N PRO C 414 14.68 -25.70 -8.61
CA PRO C 414 13.31 -25.74 -8.08
C PRO C 414 12.71 -27.13 -8.04
N VAL C 415 11.83 -27.37 -7.06
CA VAL C 415 11.13 -28.65 -6.94
C VAL C 415 9.70 -28.34 -6.53
N HIS C 416 8.89 -29.38 -6.37
CA HIS C 416 7.47 -29.21 -6.19
C HIS C 416 7.14 -28.81 -4.76
N ARG C 417 6.05 -28.05 -4.63
CA ARG C 417 5.46 -27.73 -3.34
C ARG C 417 4.54 -28.84 -2.91
N LYS C 418 4.86 -29.48 -1.80
CA LYS C 418 4.28 -30.78 -1.42
C LYS C 418 2.76 -30.72 -1.19
N TYR C 419 2.28 -29.62 -0.67
CA TYR C 419 0.92 -29.42 -0.20
C TYR C 419 -0.02 -28.92 -1.27
N LEU C 420 0.40 -28.90 -2.52
CA LEU C 420 -0.43 -28.41 -3.60
C LEU C 420 -0.77 -29.48 -4.61
N ILE C 421 -0.51 -30.73 -4.29
CA ILE C 421 -0.94 -31.80 -5.16
C ILE C 421 -2.47 -31.94 -5.13
N ARG C 422 -3.10 -31.47 -4.06
CA ARG C 422 -4.51 -31.70 -3.76
C ARG C 422 -5.46 -30.75 -4.44
N SER C 423 -5.18 -30.27 -5.64
CA SER C 423 -6.04 -29.35 -6.33
C SER C 423 -5.97 -29.61 -7.83
N THR C 424 -6.71 -28.86 -8.66
CA THR C 424 -6.62 -29.29 -10.05
C THR C 424 -5.50 -28.56 -10.73
N ASP C 425 -5.36 -28.83 -12.02
CA ASP C 425 -4.33 -28.19 -12.79
C ASP C 425 -4.61 -26.70 -12.90
N LEU C 426 -5.89 -26.33 -12.88
CA LEU C 426 -6.26 -24.92 -12.87
C LEU C 426 -6.08 -24.30 -11.51
N GLU C 427 -6.31 -25.05 -10.43
CA GLU C 427 -6.13 -24.44 -9.13
C GLU C 427 -4.68 -24.16 -8.85
N ILE C 428 -3.77 -24.99 -9.34
CA ILE C 428 -2.35 -24.81 -9.03
C ILE C 428 -1.77 -23.65 -9.80
N ILE C 429 -2.12 -23.51 -11.08
CA ILE C 429 -1.57 -22.38 -11.83
C ILE C 429 -2.13 -21.08 -11.34
N THR C 430 -3.34 -21.11 -10.79
CA THR C 430 -3.92 -19.92 -10.23
C THR C 430 -3.38 -19.65 -8.85
N ILE C 431 -2.94 -20.69 -8.15
CA ILE C 431 -2.10 -20.48 -6.98
C ILE C 431 -0.88 -19.70 -7.41
N TYR C 432 -0.12 -20.26 -8.36
CA TYR C 432 1.21 -19.76 -8.73
C TYR C 432 1.18 -18.49 -9.53
N ASN C 433 0.23 -18.29 -10.43
CA ASN C 433 0.19 -17.01 -11.13
C ASN C 433 -0.16 -15.88 -10.19
N SER C 434 -0.88 -16.19 -9.12
CA SER C 434 -1.23 -15.16 -8.16
C SER C 434 -0.01 -14.70 -7.39
N GLU C 435 0.85 -15.63 -7.00
CA GLU C 435 1.99 -15.29 -6.16
C GLU C 435 3.04 -14.52 -6.92
N LEU C 436 3.27 -14.94 -8.15
CA LEU C 436 4.23 -14.28 -9.02
C LEU C 436 3.75 -12.91 -9.42
N ARG C 437 2.47 -12.74 -9.71
CA ARG C 437 2.04 -11.42 -10.13
C ARG C 437 2.00 -10.44 -9.00
N GLY C 438 2.07 -10.91 -7.76
CA GLY C 438 2.07 -9.98 -6.65
C GLY C 438 3.40 -9.27 -6.47
N ILE C 439 4.48 -10.03 -6.52
CA ILE C 439 5.79 -9.48 -6.25
C ILE C 439 6.24 -8.64 -7.39
N CYS C 440 6.00 -9.11 -8.58
CA CYS C 440 6.40 -8.37 -9.74
C CYS C 440 5.64 -7.07 -9.86
N ASN C 441 4.34 -7.10 -9.57
CA ASN C 441 3.60 -5.86 -9.54
C ASN C 441 4.00 -4.98 -8.39
N TYR C 442 4.38 -5.58 -7.26
CA TYR C 442 4.91 -4.73 -6.22
C TYR C 442 6.21 -4.10 -6.68
N TYR C 443 7.13 -4.92 -7.16
CA TYR C 443 8.46 -4.47 -7.48
C TYR C 443 8.58 -3.98 -8.89
N GLY C 444 7.51 -3.49 -9.48
CA GLY C 444 7.59 -3.03 -10.84
C GLY C 444 8.32 -1.75 -11.01
N LEU C 445 8.62 -1.03 -9.98
CA LEU C 445 9.38 0.17 -10.25
C LEU C 445 10.86 -0.05 -10.29
N ALA C 446 11.31 -1.29 -10.10
CA ALA C 446 12.69 -1.57 -9.74
C ALA C 446 13.61 -1.50 -10.91
N SER C 447 14.71 -0.76 -10.76
CA SER C 447 15.63 -0.59 -11.87
C SER C 447 16.34 -1.86 -12.21
N ASN C 448 16.45 -2.78 -11.29
CA ASN C 448 16.79 -4.09 -11.77
C ASN C 448 15.62 -5.03 -11.77
N PHE C 449 14.51 -4.65 -12.34
CA PHE C 449 13.39 -5.58 -12.35
C PHE C 449 13.66 -6.79 -13.23
N ASN C 450 14.46 -6.60 -14.29
CA ASN C 450 14.95 -7.64 -15.17
C ASN C 450 15.60 -8.76 -14.43
N GLN C 451 16.11 -8.48 -13.24
CA GLN C 451 16.77 -9.50 -12.48
C GLN C 451 15.82 -10.48 -11.88
N LEU C 452 14.51 -10.25 -11.93
CA LEU C 452 13.55 -11.19 -11.35
C LEU C 452 13.37 -12.41 -12.19
N ASN C 453 14.11 -12.46 -13.26
CA ASN C 453 14.18 -13.55 -14.18
C ASN C 453 14.53 -14.83 -13.48
N TYR C 454 15.45 -14.78 -12.52
CA TYR C 454 15.77 -15.95 -11.72
C TYR C 454 14.54 -16.40 -10.93
N PHE C 455 13.80 -15.46 -10.36
CA PHE C 455 12.62 -15.81 -9.60
C PHE C 455 11.53 -16.38 -10.47
N ALA C 456 11.31 -15.80 -11.64
CA ALA C 456 10.26 -16.32 -12.49
C ALA C 456 10.65 -17.59 -13.21
N TYR C 457 11.95 -17.85 -13.37
CA TYR C 457 12.37 -19.19 -13.76
C TYR C 457 11.92 -20.17 -12.74
N LEU C 458 12.13 -19.87 -11.46
CA LEU C 458 12.00 -20.86 -10.41
C LEU C 458 10.54 -21.16 -10.15
N MET C 459 9.70 -20.13 -10.20
CA MET C 459 8.27 -20.31 -10.05
C MET C 459 7.69 -21.14 -11.17
N GLU C 460 8.07 -20.87 -12.40
CA GLU C 460 7.50 -21.54 -13.56
C GLU C 460 7.86 -22.98 -13.60
N TYR C 461 9.09 -23.29 -13.27
CA TYR C 461 9.46 -24.66 -13.30
C TYR C 461 9.09 -25.40 -12.05
N SER C 462 8.65 -24.71 -11.00
CA SER C 462 8.13 -25.43 -9.88
C SER C 462 6.65 -25.53 -9.88
N CYS C 463 5.97 -24.75 -10.74
CA CYS C 463 4.55 -24.97 -10.93
C CYS C 463 4.30 -26.24 -11.67
N LEU C 464 5.22 -26.57 -12.57
CA LEU C 464 5.14 -27.74 -13.43
C LEU C 464 5.59 -28.99 -12.74
N LYS C 465 6.32 -28.90 -11.66
CA LYS C 465 6.68 -30.13 -11.01
C LYS C 465 5.63 -30.57 -10.01
N THR C 466 4.83 -29.63 -9.49
CA THR C 466 3.61 -30.00 -8.77
C THR C 466 2.66 -30.80 -9.63
N ILE C 467 2.26 -30.23 -10.78
CA ILE C 467 1.34 -30.87 -11.72
C ILE C 467 1.93 -32.15 -12.25
N ALA C 468 3.26 -32.21 -12.31
CA ALA C 468 3.92 -33.46 -12.61
C ALA C 468 3.58 -34.56 -11.61
N SER C 469 3.73 -34.31 -10.32
CA SER C 469 3.57 -35.37 -9.33
C SER C 469 2.13 -35.83 -9.21
N LYS C 470 1.18 -34.95 -9.47
CA LYS C 470 -0.23 -35.30 -9.28
C LYS C 470 -0.70 -36.28 -10.34
N HIS C 471 -0.30 -36.06 -11.58
CA HIS C 471 -0.60 -36.98 -12.67
C HIS C 471 0.26 -38.20 -12.64
N LYS C 472 1.28 -38.24 -11.77
CA LYS C 472 2.42 -39.12 -11.89
C LYS C 472 3.05 -38.98 -13.26
N GLY C 473 3.67 -37.83 -13.47
CA GLY C 473 4.43 -37.59 -14.68
C GLY C 473 5.72 -36.90 -14.38
N THR C 474 6.51 -36.61 -15.40
CA THR C 474 7.78 -35.93 -15.29
C THR C 474 7.68 -34.55 -15.89
N LEU C 475 8.70 -33.73 -15.69
CA LEU C 475 8.71 -32.35 -16.16
C LEU C 475 8.68 -32.23 -17.68
N SER C 476 9.09 -33.26 -18.40
CA SER C 476 9.07 -33.14 -19.85
C SER C 476 7.78 -33.63 -20.44
N LYS C 477 7.22 -34.72 -19.90
CA LYS C 477 5.92 -35.17 -20.37
C LYS C 477 4.82 -34.15 -20.08
N THR C 478 5.03 -33.28 -19.12
CA THR C 478 3.99 -32.38 -18.70
C THR C 478 3.98 -31.11 -19.56
N ILE C 479 5.09 -30.76 -20.19
CA ILE C 479 4.91 -29.81 -21.25
C ILE C 479 4.43 -30.50 -22.54
N SER C 480 4.70 -31.78 -22.72
CA SER C 480 4.22 -32.44 -23.92
C SER C 480 2.76 -32.85 -23.84
N MET C 481 2.22 -33.08 -22.66
CA MET C 481 0.78 -33.28 -22.55
C MET C 481 0.03 -32.01 -22.73
N PHE C 482 0.57 -30.90 -22.22
CA PHE C 482 -0.07 -29.60 -22.21
C PHE C 482 0.46 -28.74 -23.33
N LYS C 483 0.77 -29.39 -24.44
CA LYS C 483 1.27 -28.78 -25.65
C LYS C 483 0.27 -27.77 -26.20
N ASP C 484 0.72 -26.86 -27.03
CA ASP C 484 -0.25 -26.21 -27.88
C ASP C 484 -0.24 -26.74 -29.32
N GLY C 485 0.82 -26.40 -30.03
CA GLY C 485 0.68 -25.79 -31.31
C GLY C 485 1.22 -24.39 -31.38
N SER C 486 1.98 -23.91 -30.42
CA SER C 486 2.94 -22.83 -30.68
C SER C 486 4.20 -22.95 -29.85
N GLY C 487 4.37 -24.05 -29.11
CA GLY C 487 5.51 -24.30 -28.26
C GLY C 487 5.34 -23.80 -26.83
N SER C 488 4.21 -23.21 -26.50
CA SER C 488 3.97 -22.77 -25.15
C SER C 488 3.07 -23.79 -24.48
N TRP C 489 2.91 -23.66 -23.19
CA TRP C 489 2.19 -24.68 -22.48
C TRP C 489 1.09 -23.97 -21.74
N GLY C 490 -0.03 -24.65 -21.60
CA GLY C 490 -1.19 -24.05 -20.98
C GLY C 490 -2.00 -25.11 -20.31
N ILE C 491 -3.04 -24.67 -19.62
CA ILE C 491 -3.88 -25.56 -18.83
C ILE C 491 -5.32 -25.37 -19.27
N PRO C 492 -6.03 -26.44 -19.61
CA PRO C 492 -7.34 -26.30 -20.20
C PRO C 492 -8.46 -26.42 -19.18
N TYR C 493 -9.54 -25.72 -19.46
CA TYR C 493 -10.79 -25.96 -18.81
C TYR C 493 -11.84 -26.04 -19.90
N GLU C 494 -12.87 -26.85 -19.68
CA GLU C 494 -14.06 -26.73 -20.49
C GLU C 494 -14.99 -25.79 -19.76
N ILE C 495 -15.07 -24.58 -20.28
CA ILE C 495 -16.11 -23.69 -19.83
C ILE C 495 -16.97 -23.39 -21.04
N LYS C 496 -17.97 -22.54 -20.84
CA LYS C 496 -19.08 -22.31 -21.76
C LYS C 496 -18.68 -21.79 -23.14
N GLN C 497 -17.53 -21.12 -23.26
CA GLN C 497 -17.22 -20.45 -24.51
C GLN C 497 -16.37 -21.28 -25.48
N GLY C 498 -16.02 -22.52 -25.14
CA GLY C 498 -15.01 -23.23 -25.88
C GLY C 498 -13.74 -23.17 -25.09
N LYS C 499 -12.69 -23.84 -25.56
CA LYS C 499 -11.53 -24.06 -24.73
C LYS C 499 -10.70 -22.80 -24.68
N GLN C 500 -10.28 -22.44 -23.47
CA GLN C 500 -9.20 -21.50 -23.29
C GLN C 500 -8.03 -22.19 -22.59
N ARG C 501 -7.02 -21.42 -22.24
CA ARG C 501 -5.79 -21.94 -21.65
C ARG C 501 -5.34 -21.01 -20.55
N ARG C 502 -4.71 -21.57 -19.51
CA ARG C 502 -4.03 -20.71 -18.54
C ARG C 502 -2.53 -20.70 -18.78
N TYR C 503 -2.00 -19.52 -19.02
CA TYR C 503 -0.60 -19.33 -19.31
C TYR C 503 0.13 -18.88 -18.04
N PHE C 504 1.39 -18.49 -18.15
CA PHE C 504 2.13 -18.11 -16.97
C PHE C 504 2.43 -16.63 -17.06
N ALA C 505 2.79 -16.04 -15.98
CA ALA C 505 2.95 -14.60 -15.97
C ALA C 505 4.27 -14.18 -16.65
N ASN C 506 4.62 -12.91 -16.50
CA ASN C 506 5.64 -12.37 -17.35
C ASN C 506 6.36 -11.18 -16.72
N PHE C 507 6.97 -10.41 -17.58
CA PHE C 507 7.66 -9.23 -17.24
C PHE C 507 7.04 -7.99 -17.81
N SER C 508 7.01 -7.84 -19.13
CA SER C 508 6.51 -6.60 -19.73
C SER C 508 5.06 -6.35 -19.39
N GLU C 509 4.34 -7.40 -19.00
CA GLU C 509 3.02 -7.29 -18.41
C GLU C 509 3.00 -7.59 -16.93
N CYS C 510 4.12 -7.52 -16.25
CA CYS C 510 4.06 -7.11 -14.86
C CYS C 510 4.95 -5.93 -14.56
N LYS C 511 5.66 -5.40 -15.53
CA LYS C 511 6.71 -4.47 -15.17
C LYS C 511 6.20 -3.07 -14.92
N SER C 512 5.34 -2.56 -15.78
CA SER C 512 5.31 -1.17 -16.22
C SER C 512 5.50 -0.13 -15.14
N PRO C 513 6.63 0.50 -15.08
CA PRO C 513 6.92 1.35 -13.95
C PRO C 513 6.44 2.77 -14.12
N TYR C 514 5.33 2.96 -14.79
CA TYR C 514 4.61 4.23 -14.85
C TYR C 514 3.10 4.07 -14.67
N GLN C 515 2.49 3.09 -15.32
CA GLN C 515 1.07 2.77 -15.12
C GLN C 515 1.00 1.50 -14.31
N PHE C 516 0.00 1.40 -13.43
CA PHE C 516 -0.35 0.14 -12.84
C PHE C 516 -1.82 0.07 -12.53
N THR C 517 -2.20 -1.09 -12.04
CA THR C 517 -3.57 -1.44 -11.69
C THR C 517 -3.77 -1.18 -10.21
N ASP C 518 -4.90 -0.54 -9.90
CA ASP C 518 -5.01 0.36 -8.76
C ASP C 518 -5.71 -0.22 -7.53
N GLU C 519 -6.55 -1.24 -7.69
CA GLU C 519 -6.99 -2.08 -6.60
C GLU C 519 -6.35 -3.45 -6.80
N ILE C 520 -5.77 -4.04 -5.73
CA ILE C 520 -5.01 -5.29 -5.90
C ILE C 520 -5.94 -6.42 -6.35
N SER C 521 -5.67 -6.96 -7.55
CA SER C 521 -6.65 -7.73 -8.33
C SER C 521 -6.76 -9.16 -7.81
N GLN C 522 -7.55 -9.30 -6.75
CA GLN C 522 -7.88 -10.59 -6.16
C GLN C 522 -9.35 -10.92 -6.47
N ALA C 523 -9.59 -11.23 -7.76
CA ALA C 523 -10.89 -11.42 -8.41
C ALA C 523 -11.78 -10.20 -8.20
N PRO C 524 -11.52 -9.09 -8.89
CA PRO C 524 -12.23 -7.84 -8.59
C PRO C 524 -13.64 -7.85 -9.15
N VAL C 525 -14.55 -7.22 -8.42
CA VAL C 525 -15.93 -7.02 -8.85
C VAL C 525 -16.00 -5.75 -9.68
N LEU C 526 -17.14 -5.57 -10.33
CA LEU C 526 -17.40 -4.35 -11.05
C LEU C 526 -17.89 -3.26 -10.10
N TYR C 527 -18.04 -2.06 -10.66
CA TYR C 527 -18.79 -1.00 -10.00
C TYR C 527 -20.24 -1.17 -10.41
N GLY C 528 -21.09 -1.55 -9.46
CA GLY C 528 -22.48 -1.79 -9.81
C GLY C 528 -23.33 -0.55 -10.00
N TYR C 529 -23.17 0.14 -11.13
CA TYR C 529 -24.01 1.32 -11.42
C TYR C 529 -25.25 0.94 -12.22
N ALA C 530 -25.99 -0.05 -11.74
CA ALA C 530 -27.26 -0.45 -12.34
C ALA C 530 -28.27 -0.83 -11.28
N ARG C 531 -28.02 -0.40 -10.03
CA ARG C 531 -28.89 -0.59 -8.86
C ARG C 531 -29.11 -2.08 -8.58
N ASN C 532 -28.00 -2.73 -8.22
CA ASN C 532 -27.91 -4.15 -7.84
C ASN C 532 -27.34 -4.28 -6.45
N THR C 533 -27.30 -3.17 -5.74
CA THR C 533 -26.41 -2.99 -4.59
C THR C 533 -27.11 -3.44 -3.31
N LEU C 534 -26.55 -3.06 -2.16
CA LEU C 534 -27.02 -3.56 -0.88
C LEU C 534 -27.98 -2.58 -0.20
N GLU C 535 -28.46 -1.58 -0.94
CA GLU C 535 -29.28 -0.48 -0.45
C GLU C 535 -30.64 -0.41 -1.12
N ASN C 536 -30.73 -0.69 -2.42
CA ASN C 536 -32.04 -0.66 -3.06
C ASN C 536 -32.65 -2.05 -3.24
N ARG C 537 -32.03 -3.09 -2.71
CA ARG C 537 -32.81 -4.28 -2.46
C ARG C 537 -33.38 -4.24 -1.04
N LEU C 538 -32.87 -3.33 -0.21
CA LEU C 538 -33.42 -3.21 1.13
C LEU C 538 -34.79 -2.56 1.07
N LYS C 539 -34.93 -1.56 0.20
CA LYS C 539 -36.19 -0.88 -0.03
C LYS C 539 -37.20 -1.73 -0.79
N ALA C 540 -36.78 -2.80 -1.45
CA ALA C 540 -37.73 -3.63 -2.17
C ALA C 540 -38.59 -4.45 -1.23
N LYS C 541 -38.10 -4.70 -0.01
CA LYS C 541 -38.78 -5.51 1.01
C LYS C 541 -39.15 -6.90 0.50
N CYS C 542 -38.27 -7.45 -0.34
CA CYS C 542 -38.58 -8.58 -1.20
C CYS C 542 -38.34 -9.91 -0.50
N CYS C 543 -39.01 -10.95 -1.01
CA CYS C 543 -38.80 -12.31 -0.53
C CYS C 543 -38.61 -13.25 -1.73
N GLU C 544 -37.37 -13.65 -1.99
CA GLU C 544 -37.06 -14.57 -3.06
C GLU C 544 -37.33 -16.02 -2.70
N LEU C 545 -36.73 -16.53 -1.62
CA LEU C 545 -37.04 -17.86 -1.11
C LEU C 545 -38.07 -17.83 0.00
N CYS C 546 -38.83 -16.75 0.12
CA CYS C 546 -39.64 -16.41 1.29
C CYS C 546 -41.13 -16.28 0.99
N GLY C 547 -41.49 -15.67 -0.14
CA GLY C 547 -42.87 -15.65 -0.61
C GLY C 547 -43.85 -14.74 0.09
N THR C 548 -43.55 -14.28 1.32
CA THR C 548 -44.48 -13.50 2.12
C THR C 548 -43.85 -12.17 2.49
N SER C 549 -44.36 -11.07 1.91
CA SER C 549 -43.83 -9.73 2.16
C SER C 549 -44.39 -9.19 3.48
N ASP C 550 -43.80 -9.66 4.57
CA ASP C 550 -44.28 -9.34 5.91
C ASP C 550 -43.40 -8.29 6.57
N GLU C 551 -44.02 -7.41 7.35
CA GLU C 551 -43.32 -6.33 8.04
C GLU C 551 -42.73 -6.76 9.37
N ASN C 552 -43.35 -7.73 10.05
CA ASN C 552 -42.92 -8.21 11.36
C ASN C 552 -41.77 -9.21 11.26
N THR C 553 -41.35 -9.57 10.05
CA THR C 553 -40.19 -10.39 9.78
C THR C 553 -39.04 -9.50 9.32
N SER C 554 -37.92 -9.57 10.03
CA SER C 554 -36.78 -8.68 9.78
C SER C 554 -36.08 -9.04 8.48
N TYR C 555 -35.91 -8.02 7.66
CA TYR C 555 -35.03 -8.05 6.52
C TYR C 555 -33.65 -7.71 7.02
N GLU C 556 -32.62 -8.29 6.40
CA GLU C 556 -31.24 -8.07 6.81
C GLU C 556 -30.29 -8.34 5.64
N ILE C 557 -29.02 -8.61 5.91
CA ILE C 557 -28.09 -8.96 4.85
C ILE C 557 -27.50 -10.35 5.10
N HIS C 558 -27.49 -11.20 4.06
CA HIS C 558 -26.75 -12.46 4.16
C HIS C 558 -25.53 -12.36 3.23
N HIS C 559 -24.51 -11.63 3.68
CA HIS C 559 -23.23 -11.50 2.98
C HIS C 559 -22.23 -12.37 3.70
N VAL C 560 -21.93 -13.51 3.12
CA VAL C 560 -20.76 -14.24 3.49
C VAL C 560 -19.71 -13.82 2.48
N ASN C 561 -18.43 -14.00 2.84
CA ASN C 561 -17.34 -13.63 1.95
C ASN C 561 -17.23 -14.57 0.74
N LYS C 562 -16.99 -15.86 0.96
CA LYS C 562 -16.57 -16.74 -0.12
C LYS C 562 -17.75 -17.54 -0.67
N VAL C 563 -17.70 -17.79 -1.98
CA VAL C 563 -18.76 -18.52 -2.67
C VAL C 563 -18.26 -19.85 -3.20
N LYS C 564 -16.94 -20.05 -3.26
CA LYS C 564 -16.39 -21.31 -3.77
C LYS C 564 -16.57 -22.47 -2.80
N ASN C 565 -16.81 -22.18 -1.52
CA ASN C 565 -17.02 -23.22 -0.51
C ASN C 565 -18.46 -23.72 -0.45
N LEU C 566 -19.37 -23.17 -1.25
CA LEU C 566 -20.75 -23.60 -1.29
C LEU C 566 -20.86 -24.82 -2.22
N LYS C 567 -21.57 -25.86 -1.76
CA LYS C 567 -21.49 -27.13 -2.47
C LYS C 567 -22.67 -27.36 -3.42
N GLY C 568 -23.89 -27.05 -2.98
CA GLY C 568 -25.05 -27.24 -3.84
C GLY C 568 -25.78 -28.56 -3.67
N LYS C 569 -26.14 -28.87 -2.45
CA LYS C 569 -27.00 -29.98 -2.08
C LYS C 569 -27.98 -29.58 -0.99
N GLU C 570 -27.67 -28.51 -0.27
CA GLU C 570 -28.55 -27.97 0.74
C GLU C 570 -29.37 -26.80 0.19
N LYS C 571 -30.33 -26.35 1.01
CA LYS C 571 -31.45 -25.53 0.53
C LYS C 571 -31.06 -24.09 0.23
N TRP C 572 -29.97 -23.59 0.81
CA TRP C 572 -29.67 -22.17 0.73
C TRP C 572 -28.61 -21.83 -0.32
N GLU C 573 -27.78 -22.81 -0.70
CA GLU C 573 -26.65 -22.58 -1.59
C GLU C 573 -27.04 -22.53 -3.06
N MET C 574 -28.29 -22.88 -3.39
CA MET C 574 -28.72 -22.89 -4.78
C MET C 574 -29.11 -21.51 -5.27
N ALA C 575 -29.26 -20.53 -4.37
CA ALA C 575 -29.62 -19.18 -4.75
C ALA C 575 -28.40 -18.32 -5.10
N MET C 576 -27.27 -18.56 -4.46
CA MET C 576 -26.09 -17.74 -4.72
C MET C 576 -25.36 -18.12 -6.00
N ILE C 577 -25.62 -19.31 -6.56
CA ILE C 577 -24.97 -19.67 -7.81
C ILE C 577 -25.75 -19.09 -8.99
N ALA C 578 -27.02 -18.72 -8.79
CA ALA C 578 -27.86 -18.21 -9.87
C ALA C 578 -27.60 -16.73 -10.15
N LYS C 579 -27.74 -15.88 -9.14
CA LYS C 579 -27.59 -14.44 -9.36
C LYS C 579 -26.13 -13.99 -9.36
N GLN C 580 -25.22 -14.85 -8.90
CA GLN C 580 -23.77 -14.63 -8.86
C GLN C 580 -23.44 -13.36 -8.06
N ARG C 581 -23.68 -13.44 -6.75
CA ARG C 581 -23.44 -12.32 -5.86
C ARG C 581 -23.07 -12.88 -4.49
N LYS C 582 -22.24 -12.14 -3.75
CA LYS C 582 -21.77 -12.58 -2.43
C LYS C 582 -22.88 -12.67 -1.41
N THR C 583 -24.04 -12.10 -1.69
CA THR C 583 -24.96 -11.66 -0.66
C THR C 583 -26.39 -11.65 -1.17
N LEU C 584 -27.31 -11.78 -0.23
CA LEU C 584 -28.73 -11.54 -0.46
C LEU C 584 -29.32 -11.12 0.88
N VAL C 585 -30.64 -10.97 0.90
CA VAL C 585 -31.38 -10.61 2.10
C VAL C 585 -31.36 -11.83 3.03
N VAL C 586 -31.59 -11.61 4.33
CA VAL C 586 -31.84 -12.75 5.21
C VAL C 586 -33.00 -12.42 6.14
N CYS C 587 -33.81 -13.44 6.43
CA CYS C 587 -35.08 -13.22 7.10
C CYS C 587 -34.97 -13.37 8.61
N PHE C 588 -36.11 -13.18 9.28
CA PHE C 588 -36.27 -13.49 10.68
C PHE C 588 -36.63 -14.96 10.89
N HIS C 589 -37.39 -15.54 9.96
CA HIS C 589 -37.69 -16.97 10.01
C HIS C 589 -36.78 -17.80 9.10
N CYS C 590 -36.16 -17.18 8.09
CA CYS C 590 -35.40 -17.92 7.10
C CYS C 590 -34.06 -18.42 7.62
N HIS C 591 -33.31 -17.58 8.35
CA HIS C 591 -31.96 -17.91 8.81
C HIS C 591 -31.94 -19.00 9.85
N ARG C 592 -32.86 -18.94 10.81
CA ARG C 592 -32.80 -19.71 12.04
C ARG C 592 -33.30 -21.13 11.86
N HIS C 593 -33.91 -21.43 10.71
CA HIS C 593 -34.38 -22.77 10.40
C HIS C 593 -33.71 -23.40 9.19
N VAL C 594 -33.41 -22.62 8.16
CA VAL C 594 -32.88 -23.20 6.92
C VAL C 594 -31.35 -23.24 6.93
N ILE C 595 -30.68 -22.15 7.31
CA ILE C 595 -29.23 -22.20 7.51
C ILE C 595 -28.88 -23.05 8.74
N HIS C 596 -29.64 -22.91 9.81
CA HIS C 596 -29.32 -23.51 11.11
C HIS C 596 -30.11 -24.80 11.34
N LYS C 597 -30.22 -25.65 10.31
CA LYS C 597 -30.92 -26.92 10.45
C LYS C 597 -30.19 -27.86 11.42
N HIS C 598 -28.90 -28.10 11.19
CA HIS C 598 -28.14 -28.90 12.14
C HIS C 598 -27.89 -28.18 13.46
N LYS C 599 -27.27 -27.00 13.41
CA LYS C 599 -26.74 -26.34 14.61
C LYS C 599 -27.41 -24.99 14.87
#